data_1FJA
#
_entry.id   1FJA
#
_cell.length_a   1.000
_cell.length_b   1.000
_cell.length_c   1.000
_cell.angle_alpha   90.00
_cell.angle_beta   90.00
_cell.angle_gamma   90.00
#
_symmetry.space_group_name_H-M   'P 1'
#
loop_
_entity.id
_entity.type
_entity.pdbx_description
1 polymer "DNA (5'-D(*AP*AP*GP*CP*GP*CP*TP*T)-3')"
2 polymer 'ACTINOMYCIN D'
#
loop_
_entity_poly.entity_id
_entity_poly.type
_entity_poly.pdbx_seq_one_letter_code
_entity_poly.pdbx_strand_id
1 'polydeoxyribonucleotide' (DA)(DA)(DG)(DC)(DG)(DC)(DT)(DT) A,B
2 'polypeptide(L)' T(DVA)P(SAR)(MVA)(PXZ)T(DVA)P(SAR)(MVA) C,D
#
# COMPACT_ATOMS: atom_id res chain seq x y z
N THR C 1 4.67 -3.07 -5.37
CA THR C 1 3.68 -3.07 -6.50
C THR C 1 3.37 -4.48 -6.98
N PRO C 3 1.73 -7.90 -6.77
CA PRO C 3 3.11 -8.31 -7.18
C PRO C 3 3.16 -8.81 -8.64
N THR C 7 1.66 -5.79 -2.52
CA THR C 7 0.51 -5.79 -3.49
C THR C 7 -0.01 -4.39 -3.84
N PRO C 9 0.20 -0.91 -5.50
CA PRO C 9 -0.34 -0.49 -4.19
C PRO C 9 -1.85 -0.18 -4.26
N THR D 1 -0.32 2.44 7.32
CA THR D 1 -1.78 2.80 7.35
C THR D 1 -2.00 4.29 7.59
N PRO D 3 -2.06 7.95 6.64
CA PRO D 3 -1.41 8.06 7.98
C PRO D 3 -2.33 8.69 9.04
N THR D 7 0.54 5.50 3.52
CA THR D 7 -0.91 5.89 3.31
C THR D 7 -1.82 4.69 2.99
N PRO D 9 -3.75 1.46 3.87
CA PRO D 9 -3.22 1.05 2.54
C PRO D 9 -4.29 1.14 1.44
N THR C 1 4.57 -3.14 -5.53
CA THR C 1 3.62 -3.19 -6.68
C THR C 1 3.39 -4.61 -7.18
N PRO C 3 1.77 -8.04 -7.03
CA PRO C 3 3.19 -8.43 -7.29
C PRO C 3 3.38 -9.07 -8.69
N THR C 7 1.65 -5.92 -2.69
CA THR C 7 0.50 -5.90 -3.66
C THR C 7 -0.01 -4.49 -3.96
N PRO C 9 0.23 -0.96 -5.53
CA PRO C 9 -0.27 -0.54 -4.19
C PRO C 9 -1.78 -0.19 -4.21
N THR D 1 -0.48 2.55 7.40
CA THR D 1 -1.92 2.94 7.47
C THR D 1 -2.10 4.43 7.78
N PRO D 3 -2.19 8.10 6.86
CA PRO D 3 -1.39 8.18 8.12
C PRO D 3 -2.16 8.89 9.25
N THR D 7 0.43 5.63 3.65
CA THR D 7 -1.01 5.99 3.45
C THR D 7 -1.89 4.77 3.12
N PRO D 9 -3.72 1.48 3.95
CA PRO D 9 -3.15 1.05 2.64
C PRO D 9 -4.19 1.06 1.50
N THR C 1 4.78 -3.10 -5.44
CA THR C 1 3.78 -3.06 -6.56
C THR C 1 3.47 -4.46 -7.09
N PRO C 3 1.82 -7.88 -6.94
CA PRO C 3 3.19 -8.31 -7.35
C PRO C 3 3.22 -8.81 -8.82
N THR C 7 1.67 -5.87 -2.57
CA THR C 7 0.53 -5.84 -3.53
C THR C 7 0.02 -4.43 -3.87
N PRO C 9 0.29 -0.93 -5.50
CA PRO C 9 -0.26 -0.53 -4.17
C PRO C 9 -1.78 -0.25 -4.21
N THR D 1 -0.29 2.44 7.46
CA THR D 1 -1.74 2.76 7.48
C THR D 1 -1.99 4.24 7.76
N PRO D 3 -2.11 7.90 6.81
CA PRO D 3 -1.47 8.06 8.16
C PRO D 3 -2.43 8.69 9.19
N THR D 7 0.56 5.53 3.57
CA THR D 7 -0.88 5.88 3.37
C THR D 7 -1.79 4.67 3.06
N PRO D 9 -3.68 1.43 3.95
CA PRO D 9 -3.13 1.03 2.62
C PRO D 9 -4.17 1.12 1.49
N THR C 1 4.74 -3.01 -5.35
CA THR C 1 3.78 -2.97 -6.49
C THR C 1 3.56 -4.37 -7.06
N PRO C 3 2.01 -7.81 -7.08
CA PRO C 3 3.43 -8.17 -7.35
C PRO C 3 3.66 -8.62 -8.82
N THR C 7 1.61 -5.91 -2.61
CA THR C 7 0.49 -5.88 -3.61
C THR C 7 -0.03 -4.46 -3.90
N PRO C 9 0.12 -0.91 -5.43
CA PRO C 9 -0.45 -0.48 -4.13
C PRO C 9 -1.98 -0.26 -4.20
N THR D 1 -0.26 2.34 7.41
CA THR D 1 -1.72 2.66 7.47
C THR D 1 -1.93 4.12 7.82
N PRO D 3 -2.10 7.82 7.01
CA PRO D 3 -1.32 7.87 8.28
C PRO D 3 -2.14 8.42 9.47
N THR D 7 0.49 5.55 3.56
CA THR D 7 -0.97 5.90 3.38
C THR D 7 -1.83 4.68 3.04
N PRO D 9 -3.72 1.40 3.83
CA PRO D 9 -3.21 0.96 2.50
C PRO D 9 -4.28 1.12 1.39
N THR C 1 4.90 -3.04 -5.45
CA THR C 1 3.92 -2.96 -6.59
C THR C 1 3.61 -4.34 -7.16
N PRO C 3 1.94 -7.72 -7.18
CA PRO C 3 3.33 -8.13 -7.59
C PRO C 3 3.43 -8.49 -9.09
N THR C 7 1.77 -5.86 -2.66
CA THR C 7 0.62 -5.80 -3.64
C THR C 7 0.12 -4.36 -3.88
N PRO C 9 0.34 -0.82 -5.40
CA PRO C 9 -0.06 -0.44 -4.03
C PRO C 9 -1.57 -0.12 -3.91
N THR D 1 -0.21 2.35 7.56
CA THR D 1 -1.68 2.64 7.59
C THR D 1 -1.98 4.11 7.89
N PRO D 3 -2.26 7.77 7.04
CA PRO D 3 -1.60 7.89 8.38
C PRO D 3 -2.57 8.36 9.50
N THR D 7 0.55 5.54 3.70
CA THR D 7 -0.91 5.85 3.50
C THR D 7 -1.74 4.61 3.12
N PRO D 9 -3.57 1.30 3.91
CA PRO D 9 -2.89 0.88 2.65
C PRO D 9 -3.83 0.92 1.41
#